data_7XIL
#
_entry.id   7XIL
#
_cell.length_a   194.723
_cell.length_b   84.102
_cell.length_c   56.857
_cell.angle_alpha   90.000
_cell.angle_beta   100.192
_cell.angle_gamma   90.000
#
_symmetry.space_group_name_H-M   'C 1 2 1'
#
loop_
_entity.id
_entity.type
_entity.pdbx_description
1 polymer 'Spike protein S1'
2 polymer 'B38 Fab heavy chain'
3 polymer 'B38 Fab light chain'
4 non-polymer 2-acetamido-2-deoxy-beta-D-glucopyranose
#
loop_
_entity_poly.entity_id
_entity_poly.type
_entity_poly.pdbx_seq_one_letter_code
_entity_poly.pdbx_strand_id
1 'polypeptide(L)'
;RVQPTESIVRFPNITNLCPFGEVFNATRFASVYAWNRKRISNCVADYSVLYNSASFSTFKCYGVSPTKLNDLCFTNVYAD
SFVIRGDEVRQIAPGQTGNIADYNYKLPDDFTGCVIAWNSNNLDSKVGGNYNYLYRLFRKSNLKPFERDISTEIYQAGST
PCNGVKGFNCYFPLQSYGFQPTYGVGYQPYRVVVLSFELLHAPATVCGPKKSTNLVKNKHHHHHHHH
;
A
2 'polypeptide(L)'
;GDEVQLVESGGGLVQPGGSLRLSCAASGFIVGWNYMSWVRQAPGKGLEWVSVIYPGGSTYYADSVKGRFTISRHNSKNTL
YLQMNSLRAEDTAVYYCAREAYGMDVWGQGTTVTVSSASTKGPSVFPLAPSSKSTSGGTAALGCLVKDYFPEPVTVSWNS
GALTSGVHTFPAVLQSSGLYSLSSVVTVPSSSLGTQTYICNVNHKPSNTKVDKRVEPKSCDK
;
H
3 'polypeptide(L)'
;GDDIVMTQSPSFLSASVGDRVTITCRASQGIPSSYLAWYQQKPGKAPKLLIYAASTLQSGVPSRFSGSGSGTEFTLTISS
LQPEDFATYYCQQLNSYPPYTFGQGTKLEIKRTVAAPSVFIFPPSDEQLKSGTASVVCLLNNFYPREAKVQWKVDNALQS
GNSQESVTEQDSKDSTYSLSSTLTLSKADYEKHKVYACEVTHQGLSSPVTKSFNRGECS
;
L
#
loop_
_chem_comp.id
_chem_comp.type
_chem_comp.name
_chem_comp.formula
NAG D-saccharide, beta linking 2-acetamido-2-deoxy-beta-D-glucopyranose 'C8 H15 N O6'
#
# COMPACT_ATOMS: atom_id res chain seq x y z
N THR A 15 -58.66 -0.70 -7.36
CA THR A 15 -58.31 0.62 -7.86
C THR A 15 -58.11 1.61 -6.72
N ASN A 16 -58.29 1.12 -5.48
CA ASN A 16 -58.07 1.94 -4.30
C ASN A 16 -56.65 1.81 -3.75
N LEU A 17 -56.10 0.60 -3.73
CA LEU A 17 -54.84 0.34 -3.05
C LEU A 17 -53.66 0.87 -3.85
N CYS A 18 -52.68 1.41 -3.12
CA CYS A 18 -51.49 1.96 -3.78
C CYS A 18 -50.74 0.84 -4.49
N PRO A 19 -50.26 1.07 -5.72
CA PRO A 19 -49.66 0.00 -6.52
C PRO A 19 -48.21 -0.30 -6.12
N PHE A 20 -48.02 -0.65 -4.84
CA PHE A 20 -46.66 -0.89 -4.35
C PHE A 20 -46.05 -2.14 -4.96
N GLY A 21 -46.88 -3.10 -5.38
CA GLY A 21 -46.34 -4.27 -6.07
C GLY A 21 -45.71 -3.93 -7.40
N GLU A 22 -46.23 -2.91 -8.08
CA GLU A 22 -45.63 -2.46 -9.33
C GLU A 22 -44.18 -2.05 -9.12
N VAL A 23 -43.89 -1.38 -8.01
CA VAL A 23 -42.53 -0.92 -7.75
C VAL A 23 -41.68 -2.05 -7.16
N PHE A 24 -42.17 -2.67 -6.08
CA PHE A 24 -41.37 -3.66 -5.36
C PHE A 24 -41.17 -4.93 -6.18
N ASN A 25 -42.27 -5.49 -6.69
CA ASN A 25 -42.27 -6.80 -7.32
C ASN A 25 -41.91 -6.76 -8.80
N ALA A 26 -41.47 -5.61 -9.31
CA ALA A 26 -41.10 -5.50 -10.71
C ALA A 26 -39.93 -6.42 -11.05
N THR A 27 -39.93 -6.95 -12.26
CA THR A 27 -38.91 -7.90 -12.70
C THR A 27 -37.57 -7.35 -13.14
N ARG A 28 -37.46 -6.02 -13.23
CA ARG A 28 -36.23 -5.33 -13.65
C ARG A 28 -36.18 -3.93 -13.04
N PHE A 29 -35.00 -3.50 -12.55
CA PHE A 29 -34.88 -2.22 -11.90
C PHE A 29 -33.87 -1.38 -12.67
N ALA A 30 -33.96 -0.06 -12.49
CA ALA A 30 -33.04 0.84 -13.14
C ALA A 30 -31.68 0.84 -12.45
N SER A 31 -30.66 1.24 -13.21
CA SER A 31 -29.37 1.53 -12.61
C SER A 31 -29.48 2.74 -11.70
N VAL A 32 -28.60 2.80 -10.70
CA VAL A 32 -28.72 3.82 -9.67
C VAL A 32 -28.56 5.23 -10.24
N TYR A 33 -27.71 5.39 -11.27
CA TYR A 33 -27.54 6.72 -11.85
C TYR A 33 -28.83 7.24 -12.47
N ALA A 34 -29.54 6.37 -13.19
CA ALA A 34 -30.86 6.71 -13.72
C ALA A 34 -31.96 6.12 -12.83
N TRP A 35 -32.00 6.57 -11.58
CA TRP A 35 -32.93 5.99 -10.62
C TRP A 35 -34.37 6.32 -10.99
N ASN A 36 -35.27 5.42 -10.64
CA ASN A 36 -36.66 5.52 -11.09
C ASN A 36 -37.53 6.12 -9.98
N ARG A 37 -38.48 6.96 -10.37
CA ARG A 37 -39.42 7.56 -9.42
C ARG A 37 -40.83 7.30 -9.88
N LYS A 38 -41.60 6.60 -9.04
CA LYS A 38 -43.04 6.42 -9.25
C LYS A 38 -43.77 7.37 -8.30
N ARG A 39 -44.47 8.34 -8.88
CA ARG A 39 -45.36 9.19 -8.10
C ARG A 39 -46.60 8.39 -7.72
N ILE A 40 -47.01 8.52 -6.47
CA ILE A 40 -48.10 7.72 -5.92
C ILE A 40 -49.08 8.70 -5.30
N SER A 41 -50.29 8.75 -5.84
CA SER A 41 -51.32 9.62 -5.32
C SER A 41 -52.68 8.96 -5.33
N ASN A 42 -53.54 9.38 -4.42
CA ASN A 42 -54.91 8.88 -4.30
C ASN A 42 -55.11 7.42 -4.17
N CYS A 43 -54.62 6.85 -3.09
CA CYS A 43 -54.76 5.44 -2.81
C CYS A 43 -54.54 5.20 -1.32
N VAL A 44 -54.76 3.98 -0.86
CA VAL A 44 -54.43 3.68 0.52
C VAL A 44 -53.25 2.72 0.58
N ALA A 45 -52.34 3.05 1.48
CA ALA A 45 -51.06 2.38 1.67
C ALA A 45 -51.14 1.48 2.88
N ASP A 46 -50.81 0.19 2.69
CA ASP A 46 -51.00 -0.79 3.76
C ASP A 46 -49.98 -0.61 4.86
N TYR A 47 -48.68 -0.74 4.52
CA TYR A 47 -47.55 -0.57 5.45
C TYR A 47 -47.53 -1.73 6.45
N SER A 48 -48.59 -2.54 6.43
CA SER A 48 -48.60 -3.81 7.14
C SER A 48 -48.07 -4.91 6.23
N VAL A 49 -48.68 -5.03 5.04
CA VAL A 49 -48.15 -5.94 4.03
C VAL A 49 -46.71 -5.59 3.70
N LEU A 50 -46.37 -4.29 3.74
CA LEU A 50 -45.05 -3.88 3.31
C LEU A 50 -43.99 -4.27 4.34
N TYR A 51 -44.14 -3.83 5.60
CA TYR A 51 -43.14 -4.23 6.58
C TYR A 51 -43.36 -5.65 7.08
N ASN A 52 -44.57 -5.96 7.57
CA ASN A 52 -44.75 -7.19 8.34
C ASN A 52 -44.42 -8.45 7.54
N SER A 53 -44.39 -8.35 6.20
CA SER A 53 -43.74 -9.38 5.38
C SER A 53 -42.25 -9.05 5.26
N ALA A 54 -41.58 -9.10 6.42
CA ALA A 54 -40.21 -8.61 6.57
C ALA A 54 -39.24 -9.59 5.91
N SER A 55 -39.20 -9.53 4.58
CA SER A 55 -38.21 -10.25 3.79
C SER A 55 -37.13 -9.32 3.26
N PHE A 56 -36.93 -8.18 3.91
CA PHE A 56 -36.02 -7.14 3.45
C PHE A 56 -34.77 -7.14 4.32
N SER A 57 -33.60 -7.06 3.67
CA SER A 57 -32.35 -6.96 4.41
C SER A 57 -32.27 -5.65 5.19
N THR A 58 -32.93 -4.60 4.69
CA THR A 58 -32.91 -3.30 5.35
C THR A 58 -34.30 -2.69 5.27
N PHE A 59 -34.79 -2.18 6.41
CA PHE A 59 -36.05 -1.44 6.44
C PHE A 59 -35.90 -0.39 7.55
N LYS A 60 -35.44 0.80 7.16
CA LYS A 60 -35.17 1.88 8.10
C LYS A 60 -36.11 3.04 7.80
N CYS A 61 -36.64 3.67 8.84
CA CYS A 61 -37.55 4.80 8.66
C CYS A 61 -37.05 5.98 9.46
N TYR A 62 -36.71 7.07 8.77
CA TYR A 62 -36.21 8.29 9.38
C TYR A 62 -37.35 9.30 9.45
N GLY A 63 -37.61 9.79 10.68
CA GLY A 63 -38.63 10.78 10.91
C GLY A 63 -40.00 10.23 11.22
N VAL A 64 -40.26 8.97 10.91
CA VAL A 64 -41.56 8.36 11.13
C VAL A 64 -41.36 6.95 11.67
N SER A 65 -42.22 6.55 12.59
CA SER A 65 -42.20 5.17 13.07
C SER A 65 -42.57 4.23 11.93
N PRO A 66 -41.80 3.14 11.72
CA PRO A 66 -42.10 2.23 10.59
C PRO A 66 -43.50 1.66 10.68
N THR A 67 -43.80 0.96 11.77
CA THR A 67 -45.17 0.61 12.09
C THR A 67 -45.85 1.81 12.76
N LYS A 68 -47.17 1.72 12.91
CA LYS A 68 -47.99 2.86 13.31
C LYS A 68 -47.78 4.03 12.35
N LEU A 69 -47.68 3.70 11.06
CA LEU A 69 -47.52 4.68 9.99
C LEU A 69 -48.70 4.72 9.05
N ASN A 70 -49.54 3.68 9.03
CA ASN A 70 -50.62 3.53 8.06
C ASN A 70 -51.93 4.14 8.55
N ASP A 71 -51.86 5.20 9.32
CA ASP A 71 -53.03 6.00 9.68
C ASP A 71 -52.85 7.47 9.32
N LEU A 72 -51.76 7.80 8.64
CA LEU A 72 -51.36 9.17 8.40
C LEU A 72 -51.49 9.48 6.91
N CYS A 73 -51.94 10.70 6.60
CA CYS A 73 -52.29 11.09 5.25
C CYS A 73 -51.25 12.05 4.69
N PHE A 74 -50.99 11.93 3.38
CA PHE A 74 -50.06 12.79 2.67
C PHE A 74 -50.67 13.18 1.33
N THR A 75 -50.16 14.27 0.75
CA THR A 75 -50.64 14.68 -0.57
C THR A 75 -50.16 13.71 -1.64
N ASN A 76 -48.88 13.34 -1.61
CA ASN A 76 -48.41 12.26 -2.48
C ASN A 76 -47.13 11.67 -1.91
N VAL A 77 -46.84 10.44 -2.33
CA VAL A 77 -45.66 9.73 -1.86
C VAL A 77 -44.88 9.21 -3.07
N TYR A 78 -43.57 9.33 -3.01
CA TYR A 78 -42.69 8.96 -4.11
C TYR A 78 -41.96 7.67 -3.77
N ALA A 79 -42.02 6.70 -4.70
CA ALA A 79 -41.29 5.44 -4.57
C ALA A 79 -40.15 5.48 -5.58
N ASP A 80 -38.94 5.72 -5.07
CA ASP A 80 -37.74 5.70 -5.91
C ASP A 80 -37.11 4.32 -5.81
N SER A 81 -36.77 3.74 -6.96
CA SER A 81 -36.24 2.39 -6.99
C SER A 81 -34.98 2.35 -7.85
N PHE A 82 -34.06 1.49 -7.43
CA PHE A 82 -32.81 1.24 -8.18
C PHE A 82 -32.14 0.01 -7.61
N VAL A 83 -30.94 -0.30 -8.12
CA VAL A 83 -30.12 -1.41 -7.65
C VAL A 83 -28.70 -0.90 -7.44
N ILE A 84 -28.12 -1.21 -6.28
CA ILE A 84 -26.72 -0.91 -6.00
C ILE A 84 -26.04 -2.18 -5.51
N ARG A 85 -24.79 -2.08 -5.10
CA ARG A 85 -24.16 -3.23 -4.47
C ARG A 85 -24.37 -3.19 -2.95
N GLY A 86 -24.08 -4.32 -2.30
CA GLY A 86 -24.53 -4.51 -0.93
C GLY A 86 -24.00 -3.50 0.05
N ASP A 87 -22.70 -3.21 -0.02
CA ASP A 87 -22.09 -2.26 0.89
C ASP A 87 -22.67 -0.86 0.71
N GLU A 88 -23.16 -0.54 -0.48
CA GLU A 88 -23.64 0.80 -0.81
C GLU A 88 -25.03 1.08 -0.27
N VAL A 89 -25.71 0.09 0.30
CA VAL A 89 -27.03 0.34 0.89
C VAL A 89 -26.92 1.29 2.06
N ARG A 90 -25.87 1.12 2.89
CA ARG A 90 -25.67 2.02 4.02
C ARG A 90 -25.50 3.47 3.58
N GLN A 91 -25.13 3.71 2.32
CA GLN A 91 -25.02 5.07 1.80
C GLN A 91 -26.38 5.69 1.51
N ILE A 92 -27.44 4.89 1.45
CA ILE A 92 -28.79 5.39 1.13
C ILE A 92 -29.40 5.79 2.47
N ALA A 93 -29.06 6.99 2.91
CA ALA A 93 -29.46 7.52 4.21
C ALA A 93 -29.03 8.98 4.31
N PRO A 94 -29.74 9.82 5.06
CA PRO A 94 -29.33 11.22 5.20
C PRO A 94 -27.95 11.34 5.81
N GLY A 95 -27.18 12.31 5.31
CA GLY A 95 -25.87 12.61 5.86
C GLY A 95 -24.76 11.67 5.43
N GLN A 96 -24.97 10.82 4.44
CA GLN A 96 -23.93 9.91 3.98
C GLN A 96 -23.13 10.54 2.84
N THR A 97 -21.91 10.03 2.66
CA THR A 97 -21.05 10.41 1.56
C THR A 97 -20.53 9.16 0.87
N GLY A 98 -20.13 9.32 -0.39
CA GLY A 98 -19.63 8.22 -1.17
C GLY A 98 -20.05 8.29 -2.63
N ASN A 99 -19.60 7.34 -3.45
CA ASN A 99 -19.90 7.39 -4.88
C ASN A 99 -21.40 7.48 -5.13
N ILE A 100 -22.17 6.60 -4.48
CA ILE A 100 -23.61 6.57 -4.71
C ILE A 100 -24.28 7.80 -4.14
N ALA A 101 -23.89 8.22 -2.93
CA ALA A 101 -24.48 9.42 -2.33
C ALA A 101 -24.05 10.68 -3.07
N ASP A 102 -22.77 10.77 -3.46
CA ASP A 102 -22.28 12.00 -4.07
C ASP A 102 -22.78 12.15 -5.50
N TYR A 103 -22.84 11.06 -6.26
CA TYR A 103 -22.99 11.15 -7.70
C TYR A 103 -24.12 10.33 -8.30
N ASN A 104 -24.83 9.53 -7.51
CA ASN A 104 -25.93 8.72 -8.03
C ASN A 104 -27.28 9.03 -7.41
N TYR A 105 -27.38 9.00 -6.08
CA TYR A 105 -28.64 9.22 -5.40
C TYR A 105 -28.35 9.79 -4.02
N LYS A 106 -28.83 11.02 -3.78
CA LYS A 106 -28.58 11.71 -2.52
C LYS A 106 -29.89 11.96 -1.80
N LEU A 107 -30.04 11.36 -0.63
CA LEU A 107 -31.16 11.67 0.24
C LEU A 107 -30.90 12.99 0.96
N PRO A 108 -31.94 13.78 1.22
CA PRO A 108 -31.73 15.07 1.87
C PRO A 108 -31.31 14.88 3.32
N ASP A 109 -30.67 15.92 3.85
CA ASP A 109 -30.19 15.87 5.23
C ASP A 109 -31.35 15.73 6.22
N ASP A 110 -32.54 16.21 5.86
CA ASP A 110 -33.72 16.12 6.71
C ASP A 110 -34.73 15.08 6.22
N PHE A 111 -34.23 14.02 5.59
CA PHE A 111 -35.10 13.04 4.92
C PHE A 111 -36.14 12.48 5.88
N THR A 112 -37.41 12.57 5.48
CA THR A 112 -38.53 11.97 6.20
C THR A 112 -39.13 10.91 5.30
N GLY A 113 -38.90 9.65 5.65
CA GLY A 113 -39.36 8.55 4.83
C GLY A 113 -38.61 7.29 5.16
N CYS A 114 -38.80 6.27 4.33
CA CYS A 114 -38.27 4.95 4.63
C CYS A 114 -37.39 4.45 3.49
N VAL A 115 -36.32 3.74 3.85
CA VAL A 115 -35.43 3.08 2.90
C VAL A 115 -35.57 1.58 3.11
N ILE A 116 -35.91 0.86 2.04
CA ILE A 116 -36.10 -0.58 2.08
C ILE A 116 -35.18 -1.20 1.03
N ALA A 117 -34.56 -2.33 1.39
CA ALA A 117 -33.57 -2.92 0.52
C ALA A 117 -33.51 -4.42 0.75
N TRP A 118 -33.28 -5.17 -0.33
CA TRP A 118 -33.17 -6.61 -0.24
C TRP A 118 -32.14 -7.12 -1.24
N ASN A 119 -31.46 -8.21 -0.87
CA ASN A 119 -30.52 -8.85 -1.78
C ASN A 119 -31.27 -9.41 -2.99
N SER A 120 -30.69 -9.19 -4.17
CA SER A 120 -31.25 -9.68 -5.43
C SER A 120 -30.17 -10.35 -6.26
N ASN A 121 -29.34 -11.18 -5.62
CA ASN A 121 -28.33 -11.92 -6.35
C ASN A 121 -28.96 -12.88 -7.34
N ASN A 122 -30.04 -13.55 -6.94
CA ASN A 122 -30.71 -14.51 -7.80
C ASN A 122 -31.42 -13.86 -8.99
N LEU A 123 -31.66 -12.55 -8.93
CA LEU A 123 -32.35 -11.84 -10.01
C LEU A 123 -31.41 -11.12 -10.96
N ASP A 124 -30.34 -10.50 -10.45
CA ASP A 124 -29.59 -9.52 -11.22
C ASP A 124 -28.13 -9.89 -11.48
N SER A 125 -27.69 -11.09 -11.10
CA SER A 125 -26.32 -11.53 -11.37
C SER A 125 -26.33 -12.60 -12.46
N LYS A 126 -25.56 -12.36 -13.52
CA LYS A 126 -25.31 -13.35 -14.55
C LYS A 126 -23.89 -13.87 -14.43
N VAL A 127 -23.72 -15.17 -14.62
CA VAL A 127 -22.37 -15.73 -14.73
C VAL A 127 -21.67 -15.07 -15.91
N GLY A 128 -20.44 -14.63 -15.68
CA GLY A 128 -19.76 -13.78 -16.63
C GLY A 128 -20.02 -12.30 -16.43
N GLY A 129 -20.87 -11.93 -15.49
CA GLY A 129 -21.10 -10.54 -15.17
C GLY A 129 -22.30 -9.92 -15.86
N ASN A 130 -23.09 -9.16 -15.10
CA ASN A 130 -24.21 -8.40 -15.64
C ASN A 130 -23.76 -6.95 -15.76
N TYR A 131 -23.55 -6.49 -16.98
CA TYR A 131 -23.07 -5.15 -17.24
C TYR A 131 -24.20 -4.16 -17.54
N ASN A 132 -25.45 -4.58 -17.37
CA ASN A 132 -26.58 -3.66 -17.54
C ASN A 132 -26.61 -2.60 -16.44
N TYR A 133 -26.37 -3.01 -15.20
CA TYR A 133 -26.44 -2.08 -14.07
C TYR A 133 -25.17 -1.26 -13.99
N LEU A 134 -25.31 0.06 -14.09
CA LEU A 134 -24.19 0.99 -14.05
C LEU A 134 -24.34 1.95 -12.87
N TYR A 135 -23.28 2.68 -12.60
CA TYR A 135 -23.30 3.78 -11.64
C TYR A 135 -22.32 4.85 -12.10
N ARG A 136 -22.62 6.10 -11.76
CA ARG A 136 -21.78 7.21 -12.18
C ARG A 136 -20.50 7.23 -11.35
N LEU A 137 -19.36 7.03 -12.00
CA LEU A 137 -18.06 7.04 -11.33
C LEU A 137 -17.44 8.43 -11.29
N PHE A 138 -17.55 9.20 -12.37
CA PHE A 138 -16.88 10.48 -12.50
C PHE A 138 -17.91 11.60 -12.52
N ARG A 139 -17.77 12.54 -11.60
CA ARG A 139 -18.59 13.76 -11.60
C ARG A 139 -17.84 14.84 -10.83
N LYS A 140 -17.99 16.09 -11.29
CA LYS A 140 -17.22 17.18 -10.71
C LYS A 140 -17.76 17.63 -9.36
N SER A 141 -19.07 17.61 -9.18
CA SER A 141 -19.69 18.09 -7.95
C SER A 141 -20.69 17.06 -7.45
N ASN A 142 -21.00 17.16 -6.17
CA ASN A 142 -21.98 16.27 -5.56
C ASN A 142 -23.40 16.61 -6.03
N LEU A 143 -24.26 15.61 -6.03
CA LEU A 143 -25.66 15.82 -6.40
C LEU A 143 -26.39 16.63 -5.34
N LYS A 144 -27.26 17.51 -5.80
CA LYS A 144 -28.27 18.05 -4.90
C LYS A 144 -29.21 16.92 -4.49
N PRO A 145 -29.85 17.02 -3.32
CA PRO A 145 -30.76 15.95 -2.89
C PRO A 145 -31.84 15.69 -3.93
N PHE A 146 -32.06 14.40 -4.22
CA PHE A 146 -33.06 13.94 -5.19
C PHE A 146 -32.79 14.45 -6.60
N GLU A 147 -31.51 14.62 -6.95
CA GLU A 147 -31.12 14.97 -8.31
C GLU A 147 -30.80 13.70 -9.09
N ARG A 148 -31.17 13.68 -10.37
CA ARG A 148 -30.90 12.57 -11.27
C ARG A 148 -30.07 13.07 -12.44
N ASP A 149 -28.90 12.45 -12.65
CA ASP A 149 -28.00 12.82 -13.73
C ASP A 149 -27.88 11.63 -14.67
N ILE A 150 -28.30 11.84 -15.92
CA ILE A 150 -28.30 10.76 -16.90
C ILE A 150 -27.42 11.15 -18.08
N SER A 151 -26.39 11.94 -17.82
CA SER A 151 -25.46 12.35 -18.86
C SER A 151 -24.48 11.23 -19.18
N THR A 152 -24.10 11.14 -20.46
CA THR A 152 -23.06 10.21 -20.90
C THR A 152 -21.92 10.95 -21.59
N GLU A 153 -21.82 12.26 -21.39
CA GLU A 153 -20.72 13.03 -21.96
C GLU A 153 -19.40 12.63 -21.34
N ILE A 154 -18.33 12.63 -22.14
CA ILE A 154 -17.03 12.20 -21.66
C ILE A 154 -16.55 13.14 -20.57
N TYR A 155 -16.05 12.55 -19.47
CA TYR A 155 -15.50 13.33 -18.37
C TYR A 155 -14.16 13.93 -18.77
N GLN A 156 -14.00 15.22 -18.54
CA GLN A 156 -12.78 15.94 -18.90
C GLN A 156 -11.97 16.19 -17.63
N ALA A 157 -10.98 15.34 -17.40
CA ALA A 157 -10.15 15.40 -16.20
C ALA A 157 -8.96 16.34 -16.34
N GLY A 158 -8.79 16.97 -17.50
CA GLY A 158 -7.65 17.84 -17.73
C GLY A 158 -7.98 19.07 -18.54
N SER A 159 -6.94 19.85 -18.89
CA SER A 159 -7.16 21.07 -19.65
C SER A 159 -7.63 20.78 -21.07
N THR A 160 -7.07 19.74 -21.69
CA THR A 160 -7.40 19.44 -23.07
C THR A 160 -8.84 18.95 -23.18
N PRO A 161 -9.68 19.60 -23.99
CA PRO A 161 -11.05 19.10 -24.18
C PRO A 161 -11.04 17.72 -24.83
N CYS A 162 -12.02 16.90 -24.44
CA CYS A 162 -12.12 15.53 -24.92
C CYS A 162 -12.86 15.43 -26.26
N ASN A 163 -13.89 16.25 -26.46
CA ASN A 163 -14.70 16.21 -27.67
C ASN A 163 -15.31 14.83 -27.90
N GLY A 164 -15.77 14.22 -26.80
CA GLY A 164 -16.49 12.96 -26.88
C GLY A 164 -15.67 11.75 -27.29
N VAL A 165 -14.38 11.72 -26.94
CA VAL A 165 -13.54 10.55 -27.18
C VAL A 165 -12.87 10.16 -25.86
N LYS A 166 -12.77 8.85 -25.64
CA LYS A 166 -12.02 8.34 -24.50
C LYS A 166 -10.52 8.57 -24.71
N GLY A 167 -9.80 8.62 -23.61
CA GLY A 167 -8.36 8.78 -23.67
C GLY A 167 -7.81 9.24 -22.32
N PHE A 168 -6.57 9.70 -22.37
CA PHE A 168 -5.92 10.25 -21.17
C PHE A 168 -6.69 11.49 -20.71
N ASN A 169 -7.04 11.52 -19.42
CA ASN A 169 -7.88 12.54 -18.81
C ASN A 169 -9.27 12.59 -19.42
N CYS A 170 -9.68 11.57 -20.17
CA CYS A 170 -10.97 11.54 -20.85
C CYS A 170 -11.62 10.18 -20.58
N TYR A 171 -12.60 10.16 -19.67
CA TYR A 171 -13.18 8.92 -19.20
C TYR A 171 -14.68 8.91 -19.44
N PHE A 172 -15.22 7.70 -19.65
CA PHE A 172 -16.66 7.53 -19.67
C PHE A 172 -17.20 7.62 -18.24
N PRO A 173 -18.23 8.44 -18.00
CA PRO A 173 -18.62 8.72 -16.61
C PRO A 173 -19.23 7.54 -15.86
N LEU A 174 -19.80 6.57 -16.56
CA LEU A 174 -20.49 5.46 -15.90
C LEU A 174 -19.64 4.20 -15.93
N GLN A 175 -19.58 3.52 -14.79
CA GLN A 175 -18.88 2.25 -14.64
C GLN A 175 -19.90 1.16 -14.33
N SER A 176 -19.71 -0.02 -14.93
CA SER A 176 -20.65 -1.10 -14.74
C SER A 176 -20.33 -1.88 -13.47
N TYR A 177 -21.39 -2.34 -12.79
CA TYR A 177 -21.21 -3.19 -11.62
C TYR A 177 -20.64 -4.54 -12.01
N GLY A 178 -21.10 -5.10 -13.14
CA GLY A 178 -20.65 -6.41 -13.58
C GLY A 178 -21.00 -7.50 -12.58
N PHE A 179 -22.24 -7.50 -12.11
CA PHE A 179 -22.64 -8.39 -11.01
C PHE A 179 -22.49 -9.85 -11.38
N GLN A 180 -21.50 -10.52 -10.78
CA GLN A 180 -21.40 -11.98 -10.86
C GLN A 180 -21.99 -12.61 -9.63
N PRO A 181 -22.66 -13.76 -9.73
CA PRO A 181 -23.25 -14.36 -8.52
C PRO A 181 -22.22 -14.87 -7.53
N THR A 182 -20.95 -14.94 -7.92
CA THR A 182 -19.86 -15.40 -7.06
C THR A 182 -19.18 -14.28 -6.29
N TYR A 183 -19.77 -13.09 -6.28
CA TYR A 183 -19.18 -11.96 -5.57
C TYR A 183 -19.42 -12.08 -4.07
N GLY A 184 -18.66 -11.31 -3.31
CA GLY A 184 -18.99 -11.12 -1.92
C GLY A 184 -20.36 -10.46 -1.78
N VAL A 185 -21.04 -10.78 -0.68
CA VAL A 185 -22.42 -10.31 -0.51
C VAL A 185 -22.49 -8.80 -0.52
N GLY A 186 -21.42 -8.12 -0.06
CA GLY A 186 -21.35 -6.68 -0.19
C GLY A 186 -21.17 -6.19 -1.61
N TYR A 187 -20.94 -7.10 -2.56
CA TYR A 187 -20.79 -6.77 -3.97
C TYR A 187 -21.87 -7.38 -4.83
N GLN A 188 -22.81 -8.11 -4.23
CA GLN A 188 -23.96 -8.65 -4.91
C GLN A 188 -25.00 -7.56 -5.15
N PRO A 189 -25.88 -7.74 -6.14
CA PRO A 189 -26.94 -6.75 -6.36
C PRO A 189 -27.87 -6.65 -5.18
N TYR A 190 -28.38 -5.44 -4.97
CA TYR A 190 -29.29 -5.13 -3.87
C TYR A 190 -30.31 -4.12 -4.39
N ARG A 191 -31.58 -4.51 -4.35
CA ARG A 191 -32.67 -3.66 -4.81
C ARG A 191 -33.11 -2.75 -3.68
N VAL A 192 -33.33 -1.47 -4.01
CA VAL A 192 -33.62 -0.44 -3.03
C VAL A 192 -34.84 0.36 -3.48
N VAL A 193 -35.79 0.53 -2.56
CA VAL A 193 -36.96 1.40 -2.71
C VAL A 193 -36.92 2.42 -1.57
N VAL A 194 -36.92 3.69 -1.94
CA VAL A 194 -36.96 4.82 -1.02
C VAL A 194 -38.34 5.44 -1.13
N LEU A 195 -39.11 5.39 -0.04
CA LEU A 195 -40.41 6.02 0.05
C LEU A 195 -40.26 7.37 0.72
N SER A 196 -40.64 8.43 0.00
CA SER A 196 -40.70 9.77 0.52
C SER A 196 -42.15 10.21 0.63
N PHE A 197 -42.51 10.82 1.74
CA PHE A 197 -43.88 11.27 2.00
C PHE A 197 -43.91 12.79 1.92
N GLU A 198 -44.79 13.33 1.06
CA GLU A 198 -44.78 14.76 0.78
C GLU A 198 -46.19 15.32 0.84
N LEU A 199 -46.30 16.50 1.47
CA LEU A 199 -47.56 17.21 1.62
C LEU A 199 -47.61 18.47 0.76
N PRO A 203 -54.07 19.45 -0.37
CA PRO A 203 -55.03 18.44 0.08
C PRO A 203 -54.46 17.01 0.06
N ALA A 204 -54.18 16.46 1.24
CA ALA A 204 -53.62 15.13 1.35
C ALA A 204 -54.59 14.09 0.78
N THR A 205 -54.07 13.13 0.02
CA THR A 205 -54.99 12.15 -0.53
C THR A 205 -54.47 10.71 -0.46
N VAL A 206 -53.16 10.46 -0.39
CA VAL A 206 -52.65 9.13 -0.07
C VAL A 206 -52.67 8.95 1.44
N CYS A 207 -53.39 7.94 1.91
CA CYS A 207 -53.56 7.67 3.33
C CYS A 207 -53.34 6.19 3.60
N GLY A 208 -53.21 5.85 4.87
CA GLY A 208 -53.21 4.46 5.27
C GLY A 208 -54.62 3.98 5.53
N PRO A 209 -54.78 2.74 6.01
CA PRO A 209 -56.11 2.27 6.36
C PRO A 209 -56.71 2.97 7.57
N LYS A 210 -57.09 4.23 7.39
CA LYS A 210 -57.80 5.00 8.42
C LYS A 210 -58.53 6.19 7.80
N GLU B 3 5.87 17.92 -18.81
CA GLU B 3 4.70 18.10 -17.95
C GLU B 3 4.24 16.77 -17.34
N VAL B 4 2.93 16.64 -17.19
CA VAL B 4 2.25 15.45 -16.63
C VAL B 4 2.99 14.80 -15.46
N GLN B 5 3.48 15.62 -14.54
CA GLN B 5 4.19 15.13 -13.40
C GLN B 5 3.50 15.55 -12.13
N LEU B 6 3.97 15.02 -11.00
CA LEU B 6 3.52 15.35 -9.69
C LEU B 6 4.79 15.52 -8.92
N VAL B 7 5.09 16.72 -8.52
CA VAL B 7 6.30 17.06 -7.78
C VAL B 7 5.91 17.34 -6.34
N GLU B 8 6.50 16.61 -5.40
CA GLU B 8 6.17 16.77 -3.99
C GLU B 8 7.24 17.53 -3.24
N SER B 9 6.87 17.98 -2.05
CA SER B 9 7.79 18.67 -1.16
C SER B 9 7.15 18.71 0.23
N GLY B 10 7.96 19.10 1.21
CA GLY B 10 7.48 19.32 2.56
C GLY B 10 7.93 18.29 3.57
N GLY B 11 8.42 17.13 3.12
CA GLY B 11 8.88 16.13 4.05
C GLY B 11 10.14 16.57 4.79
N GLY B 12 10.38 15.92 5.93
CA GLY B 12 11.54 16.28 6.73
C GLY B 12 11.64 15.54 8.05
N LEU B 13 12.13 16.24 9.07
CA LEU B 13 12.37 15.66 10.39
C LEU B 13 11.50 16.36 11.43
N VAL B 14 10.76 15.57 12.20
CA VAL B 14 9.91 16.08 13.27
C VAL B 14 9.96 15.13 14.45
N GLN B 15 9.72 15.66 15.64
CA GLN B 15 9.57 14.84 16.82
C GLN B 15 8.16 14.28 16.89
N PRO B 16 7.96 13.21 17.65
CA PRO B 16 6.59 12.69 17.85
C PRO B 16 5.68 13.77 18.40
N GLY B 17 4.48 13.87 17.81
CA GLY B 17 3.59 14.97 18.10
C GLY B 17 3.82 16.21 17.28
N GLY B 18 4.80 16.20 16.37
CA GLY B 18 5.03 17.33 15.50
C GLY B 18 4.08 17.36 14.33
N SER B 19 4.31 18.32 13.43
CA SER B 19 3.42 18.53 12.29
C SER B 19 4.22 18.77 11.03
N LEU B 20 3.72 18.25 9.91
CA LEU B 20 4.23 18.56 8.58
C LEU B 20 3.05 18.87 7.67
N ARG B 21 3.37 19.41 6.53
CA ARG B 21 2.39 19.67 5.56
C ARG B 21 3.09 19.39 4.29
N LEU B 22 2.67 18.32 3.66
CA LEU B 22 3.19 17.88 2.37
C LEU B 22 2.44 18.58 1.26
N SER B 23 3.19 19.15 0.32
CA SER B 23 2.66 19.77 -0.88
C SER B 23 2.92 18.85 -2.08
N CYS B 24 1.97 18.85 -3.02
CA CYS B 24 2.06 17.98 -4.20
C CYS B 24 1.50 18.78 -5.38
N ALA B 25 2.40 19.27 -6.24
CA ALA B 25 2.04 20.11 -7.37
C ALA B 25 1.91 19.25 -8.62
N ALA B 26 0.79 19.40 -9.32
CA ALA B 26 0.50 18.62 -10.51
C ALA B 26 0.59 19.46 -11.76
N SER B 27 1.04 18.84 -12.85
CA SER B 27 0.94 19.40 -14.18
C SER B 27 0.58 18.29 -15.15
N GLY B 28 -0.38 18.56 -16.04
CA GLY B 28 -0.88 17.59 -16.99
C GLY B 28 -2.33 17.21 -16.77
N PHE B 29 -2.82 17.33 -15.54
CA PHE B 29 -4.24 17.17 -15.24
C PHE B 29 -4.64 18.19 -14.20
N ILE B 30 -5.90 18.15 -13.79
CA ILE B 30 -6.47 19.11 -12.85
C ILE B 30 -6.71 18.36 -11.53
N VAL B 31 -6.09 18.84 -10.45
CA VAL B 31 -6.17 18.14 -9.17
C VAL B 31 -7.62 18.08 -8.67
N GLY B 32 -8.34 19.20 -8.78
CA GLY B 32 -9.71 19.22 -8.30
C GLY B 32 -10.67 18.37 -9.09
N TRP B 33 -10.28 17.92 -10.28
CA TRP B 33 -11.13 17.13 -11.15
C TRP B 33 -10.83 15.63 -11.09
N ASN B 34 -9.98 15.20 -10.17
CA ASN B 34 -9.56 13.81 -10.14
C ASN B 34 -9.66 13.25 -8.73
N TYR B 35 -9.63 11.92 -8.65
CA TYR B 35 -9.45 11.24 -7.38
C TYR B 35 -7.96 11.31 -7.01
N MET B 36 -7.63 12.12 -6.03
CA MET B 36 -6.24 12.34 -5.65
C MET B 36 -5.96 11.64 -4.33
N SER B 37 -4.88 10.86 -4.27
CA SER B 37 -4.65 9.97 -3.16
C SER B 37 -3.23 10.13 -2.63
N TRP B 38 -3.07 9.85 -1.35
CA TRP B 38 -1.78 9.79 -0.68
C TRP B 38 -1.51 8.36 -0.26
N VAL B 39 -0.34 7.84 -0.64
CA VAL B 39 0.10 6.49 -0.33
C VAL B 39 1.52 6.56 0.23
N ARG B 40 1.76 5.91 1.36
CA ARG B 40 3.07 5.93 1.98
C ARG B 40 3.73 4.55 1.93
N GLN B 41 5.02 4.54 2.21
CA GLN B 41 5.82 3.31 2.15
C GLN B 41 6.95 3.43 3.16
N ALA B 42 6.91 2.57 4.18
CA ALA B 42 7.95 2.59 5.21
C ALA B 42 9.26 2.04 4.65
N PRO B 43 10.38 2.34 5.31
CA PRO B 43 11.66 1.74 4.89
C PRO B 43 11.59 0.23 4.87
N GLY B 44 11.79 -0.35 3.69
CA GLY B 44 11.81 -1.79 3.52
C GLY B 44 10.45 -2.45 3.51
N LYS B 45 9.36 -1.69 3.64
CA LYS B 45 8.01 -2.21 3.65
C LYS B 45 7.31 -1.93 2.32
N GLY B 46 6.04 -2.31 2.24
CA GLY B 46 5.25 -2.15 1.04
C GLY B 46 4.45 -0.85 1.03
N LEU B 47 3.47 -0.80 0.14
CA LEU B 47 2.65 0.38 -0.05
C LEU B 47 1.42 0.33 0.83
N GLU B 48 1.14 1.42 1.53
CA GLU B 48 -0.07 1.57 2.33
C GLU B 48 -0.81 2.82 1.87
N TRP B 49 -2.06 2.64 1.46
CA TRP B 49 -2.89 3.79 1.13
C TRP B 49 -3.18 4.60 2.39
N VAL B 50 -3.11 5.92 2.27
CA VAL B 50 -3.24 6.83 3.40
C VAL B 50 -4.50 7.66 3.32
N SER B 51 -4.73 8.33 2.19
CA SER B 51 -5.88 9.23 2.10
C SER B 51 -6.32 9.39 0.66
N VAL B 52 -7.53 9.93 0.50
CA VAL B 52 -8.07 10.22 -0.83
C VAL B 52 -9.05 11.39 -0.73
N ILE B 53 -9.00 12.27 -1.72
CA ILE B 53 -9.97 13.33 -1.95
C ILE B 53 -10.66 13.08 -3.28
N TYR B 54 -11.99 13.08 -3.27
CA TYR B 54 -12.81 12.91 -4.46
C TYR B 54 -12.87 14.22 -5.24
N PRO B 55 -13.19 14.16 -6.53
CA PRO B 55 -13.47 15.40 -7.27
C PRO B 55 -14.59 16.21 -6.67
N GLY B 56 -15.63 15.54 -6.15
CA GLY B 56 -16.76 16.23 -5.58
C GLY B 56 -16.51 16.84 -4.21
N GLY B 57 -15.46 16.40 -3.52
CA GLY B 57 -15.11 16.99 -2.24
C GLY B 57 -14.93 16.02 -1.09
N SER B 58 -15.61 14.88 -1.15
CA SER B 58 -15.56 13.93 -0.05
C SER B 58 -14.13 13.41 0.15
N THR B 59 -13.77 13.19 1.41
CA THR B 59 -12.41 12.82 1.79
C THR B 59 -12.45 11.61 2.71
N TYR B 60 -11.57 10.65 2.45
CA TYR B 60 -11.52 9.42 3.23
C TYR B 60 -10.08 9.10 3.60
N TYR B 61 -9.91 8.62 4.83
CA TYR B 61 -8.58 8.45 5.43
C TYR B 61 -8.38 7.01 5.86
N ALA B 62 -7.12 6.58 5.85
CA ALA B 62 -6.78 5.29 6.41
C ALA B 62 -7.06 5.28 7.91
N ASP B 63 -7.41 4.10 8.42
CA ASP B 63 -7.87 4.00 9.80
C ASP B 63 -6.80 4.43 10.79
N SER B 64 -5.52 4.29 10.43
CA SER B 64 -4.44 4.60 11.34
C SER B 64 -4.05 6.07 11.33
N VAL B 65 -4.68 6.90 10.48
CA VAL B 65 -4.38 8.32 10.40
C VAL B 65 -5.58 9.19 10.70
N LYS B 66 -6.74 8.61 10.97
CA LYS B 66 -7.96 9.39 11.20
C LYS B 66 -7.80 10.31 12.40
N GLY B 67 -8.20 11.57 12.23
CA GLY B 67 -8.11 12.55 13.29
C GLY B 67 -6.75 13.19 13.46
N ARG B 68 -5.75 12.74 12.73
CA ARG B 68 -4.41 13.32 12.75
C ARG B 68 -3.95 13.84 11.39
N PHE B 69 -4.48 13.28 10.31
CA PHE B 69 -4.15 13.70 8.95
C PHE B 69 -5.36 14.35 8.33
N THR B 70 -5.13 15.38 7.52
CA THR B 70 -6.20 16.02 6.76
C THR B 70 -5.71 16.32 5.35
N ILE B 71 -6.44 15.83 4.36
CA ILE B 71 -6.12 16.04 2.96
C ILE B 71 -6.87 17.26 2.46
N SER B 72 -6.24 18.02 1.57
CA SER B 72 -6.86 19.25 1.06
C SER B 72 -6.29 19.55 -0.33
N ARG B 73 -6.79 20.62 -0.94
CA ARG B 73 -6.31 21.03 -2.25
C ARG B 73 -6.55 22.52 -2.46
N HIS B 74 -5.60 23.17 -3.11
CA HIS B 74 -5.77 24.53 -3.61
C HIS B 74 -6.07 24.46 -5.11
N ASN B 75 -7.23 25.00 -5.49
CA ASN B 75 -7.66 24.99 -6.88
C ASN B 75 -6.76 25.88 -7.72
N SER B 76 -6.41 27.06 -7.21
CA SER B 76 -5.59 27.99 -7.97
C SER B 76 -4.24 27.39 -8.32
N LYS B 77 -3.46 27.04 -7.30
CA LYS B 77 -2.11 26.50 -7.50
C LYS B 77 -2.12 25.05 -7.98
N ASN B 78 -3.30 24.46 -8.18
CA ASN B 78 -3.42 23.09 -8.67
C ASN B 78 -2.63 22.11 -7.80
N THR B 79 -2.80 22.24 -6.48
CA THR B 79 -1.91 21.56 -5.56
C THR B 79 -2.68 20.75 -4.54
N LEU B 80 -2.27 19.50 -4.34
CA LEU B 80 -2.78 18.66 -3.27
C LEU B 80 -1.93 18.85 -2.02
N TYR B 81 -2.55 18.65 -0.86
CA TYR B 81 -1.88 18.85 0.42
C TYR B 81 -2.25 17.73 1.38
N LEU B 82 -1.28 17.31 2.18
CA LEU B 82 -1.52 16.41 3.30
C LEU B 82 -0.97 17.05 4.56
N GLN B 83 -1.85 17.42 5.50
CA GLN B 83 -1.44 17.98 6.77
C GLN B 83 -1.40 16.87 7.81
N MET B 84 -0.24 16.69 8.44
CA MET B 84 -0.01 15.60 9.36
C MET B 84 0.32 16.19 10.74
N ASN B 85 -0.62 16.05 11.68
CA ASN B 85 -0.47 16.44 13.06
C ASN B 85 -0.30 15.20 13.94
N SER B 86 0.19 15.41 15.16
CA SER B 86 0.40 14.33 16.13
C SER B 86 1.16 13.18 15.50
N LEU B 87 2.27 13.52 14.83
CA LEU B 87 3.01 12.54 14.05
C LEU B 87 3.62 11.45 14.91
N ARG B 88 3.09 10.24 14.78
CA ARG B 88 3.69 9.10 15.47
C ARG B 88 4.93 8.62 14.72
N ALA B 89 5.77 7.87 15.42
CA ALA B 89 6.98 7.34 14.80
C ALA B 89 6.67 6.35 13.70
N GLU B 90 5.51 5.70 13.74
CA GLU B 90 5.13 4.76 12.69
C GLU B 90 4.86 5.45 11.36
N ASP B 91 4.65 6.76 11.35
CA ASP B 91 4.39 7.50 10.13
C ASP B 91 5.65 7.74 9.30
N THR B 92 6.81 7.34 9.80
CA THR B 92 8.06 7.51 9.05
C THR B 92 8.03 6.69 7.78
N ALA B 93 8.07 7.37 6.63
CA ALA B 93 7.92 6.69 5.35
C ALA B 93 8.21 7.68 4.23
N VAL B 94 8.39 7.13 3.03
CA VAL B 94 8.29 7.91 1.80
C VAL B 94 6.81 8.09 1.49
N TYR B 95 6.40 9.34 1.25
CA TYR B 95 5.01 9.65 0.95
C TYR B 95 4.91 10.03 -0.53
N TYR B 96 3.89 9.49 -1.21
CA TYR B 96 3.60 9.77 -2.60
C TYR B 96 2.18 10.31 -2.72
N CYS B 97 1.99 11.25 -3.63
CA CYS B 97 0.67 11.63 -4.11
C CYS B 97 0.47 11.04 -5.50
N ALA B 98 -0.77 10.64 -5.78
CA ALA B 98 -1.06 9.98 -7.05
C ALA B 98 -2.47 10.33 -7.50
N ARG B 99 -2.67 10.24 -8.81
CA ARG B 99 -4.00 10.34 -9.41
C ARG B 99 -4.54 8.95 -9.67
N GLU B 100 -5.84 8.77 -9.47
CA GLU B 100 -6.50 7.48 -9.71
C GLU B 100 -7.54 7.68 -10.80
N ALA B 101 -7.23 7.23 -12.02
CA ALA B 101 -8.23 7.22 -13.10
C ALA B 101 -8.88 5.85 -13.18
N TYR B 102 -8.08 4.83 -13.50
CA TYR B 102 -8.45 3.42 -13.40
C TYR B 102 -7.13 2.76 -13.00
N GLY B 103 -6.94 2.59 -11.70
CA GLY B 103 -5.59 2.32 -11.23
C GLY B 103 -4.80 3.60 -11.21
N MET B 104 -3.84 3.71 -10.31
CA MET B 104 -3.13 4.96 -10.08
C MET B 104 -2.06 5.12 -11.16
N ASP B 105 -2.33 5.98 -12.13
CA ASP B 105 -1.52 6.05 -13.35
C ASP B 105 -0.42 7.10 -13.29
N VAL B 106 -0.60 8.17 -12.51
CA VAL B 106 0.42 9.19 -12.36
C VAL B 106 0.82 9.25 -10.88
N TRP B 107 2.10 9.03 -10.62
CA TRP B 107 2.66 9.12 -9.28
C TRP B 107 3.65 10.27 -9.22
N GLY B 108 4.08 10.60 -8.00
CA GLY B 108 5.09 11.59 -7.77
C GLY B 108 6.39 10.96 -7.32
N GLN B 109 7.44 11.79 -7.33
CA GLN B 109 8.77 11.32 -6.94
C GLN B 109 8.83 10.96 -5.46
N GLY B 110 7.91 11.46 -4.65
CA GLY B 110 7.87 11.16 -3.24
C GLY B 110 8.65 12.17 -2.41
N THR B 111 8.35 12.18 -1.11
CA THR B 111 9.10 12.98 -0.16
C THR B 111 9.16 12.23 1.16
N THR B 112 10.27 12.37 1.88
CA THR B 112 10.53 11.53 3.04
C THR B 112 10.07 12.23 4.31
N VAL B 113 9.29 11.53 5.13
CA VAL B 113 8.87 11.99 6.45
C VAL B 113 9.53 11.09 7.47
N THR B 114 10.28 11.69 8.40
CA THR B 114 10.96 10.96 9.46
C THR B 114 10.53 11.51 10.80
N VAL B 115 9.98 10.63 11.64
CA VAL B 115 9.49 11.01 12.97
C VAL B 115 10.34 10.29 14.01
N SER B 116 11.05 11.06 14.83
CA SER B 116 11.89 10.49 15.87
C SER B 116 12.17 11.57 16.90
N SER B 117 12.51 11.13 18.11
CA SER B 117 12.88 12.03 19.20
C SER B 117 14.39 12.11 19.39
N ALA B 118 15.17 11.57 18.46
CA ALA B 118 16.62 11.55 18.58
C ALA B 118 17.23 12.78 17.92
N SER B 119 18.30 13.29 18.53
CA SER B 119 19.01 14.42 17.97
C SER B 119 19.94 13.97 16.85
N THR B 120 20.28 14.91 15.97
CA THR B 120 21.25 14.64 14.92
C THR B 120 22.60 14.30 15.55
N LYS B 121 23.22 13.22 15.08
CA LYS B 121 24.48 12.75 15.66
C LYS B 121 25.30 12.05 14.59
N GLY B 122 26.60 12.35 14.56
CA GLY B 122 27.52 11.66 13.69
C GLY B 122 27.86 10.29 14.23
N PRO B 123 28.37 9.41 13.39
CA PRO B 123 28.67 8.04 13.84
C PRO B 123 30.06 7.90 14.43
N SER B 124 30.19 6.88 15.28
CA SER B 124 31.49 6.36 15.65
C SER B 124 31.86 5.25 14.68
N VAL B 125 33.08 5.30 14.15
CA VAL B 125 33.54 4.32 13.17
C VAL B 125 34.51 3.39 13.87
N PHE B 126 34.15 2.12 13.93
CA PHE B 126 34.99 1.12 14.57
C PHE B 126 35.53 0.13 13.55
N PRO B 127 36.73 -0.41 13.78
CA PRO B 127 37.30 -1.34 12.81
C PRO B 127 36.88 -2.79 13.04
N LEU B 128 36.34 -3.43 12.02
CA LEU B 128 36.17 -4.88 11.98
C LEU B 128 37.45 -5.42 11.37
N ALA B 129 38.44 -5.66 12.23
CA ALA B 129 39.80 -5.98 11.85
C ALA B 129 39.89 -7.42 11.33
N PRO B 130 40.82 -7.68 10.41
CA PRO B 130 40.97 -9.03 9.88
C PRO B 130 41.50 -10.00 10.93
N SER B 131 40.60 -10.85 11.42
CA SER B 131 40.91 -11.87 12.40
C SER B 131 41.30 -13.14 11.66
N SER B 132 41.28 -14.29 12.35
CA SER B 132 41.35 -15.58 11.67
C SER B 132 40.33 -15.69 10.54
N LYS B 133 39.31 -14.83 10.53
CA LYS B 133 38.35 -14.69 9.44
C LYS B 133 37.46 -15.91 9.31
N GLY B 137 39.00 -19.82 1.06
CA GLY B 137 40.41 -20.00 0.75
C GLY B 137 41.17 -18.87 1.37
N GLY B 138 42.20 -18.38 0.73
CA GLY B 138 42.94 -17.30 1.30
C GLY B 138 42.28 -15.99 0.97
N THR B 139 41.23 -15.68 1.72
CA THR B 139 40.41 -14.53 1.57
C THR B 139 40.16 -14.03 2.97
N ALA B 140 40.53 -12.81 3.22
CA ALA B 140 40.31 -12.11 4.48
C ALA B 140 39.18 -11.11 4.31
N ALA B 141 38.41 -10.94 5.38
CA ALA B 141 37.34 -9.95 5.42
C ALA B 141 37.71 -8.86 6.41
N LEU B 142 37.46 -7.61 6.04
CA LEU B 142 37.74 -6.50 6.92
C LEU B 142 36.76 -5.38 6.62
N GLY B 143 36.41 -4.62 7.65
CA GLY B 143 35.41 -3.60 7.43
C GLY B 143 35.37 -2.54 8.50
N CYS B 144 34.33 -1.73 8.43
CA CYS B 144 34.04 -0.69 9.40
C CYS B 144 32.60 -0.78 9.86
N LEU B 145 32.41 -0.59 11.15
CA LEU B 145 31.09 -0.46 11.75
C LEU B 145 30.80 1.02 11.97
N VAL B 146 29.81 1.54 11.27
CA VAL B 146 29.41 2.94 11.34
C VAL B 146 28.21 2.99 12.28
N LYS B 147 28.44 3.34 13.54
CA LYS B 147 27.46 3.11 14.59
C LYS B 147 26.95 4.42 15.18
N ASP B 148 25.68 4.40 15.60
CA ASP B 148 25.09 5.46 16.41
C ASP B 148 25.13 6.82 15.71
N TYR B 149 24.43 6.88 14.58
CA TYR B 149 24.25 8.12 13.85
C TYR B 149 22.78 8.36 13.57
N PHE B 150 22.44 9.63 13.32
CA PHE B 150 21.09 10.04 13.02
C PHE B 150 21.14 11.43 12.42
N PRO B 151 20.36 11.71 11.35
CA PRO B 151 19.47 10.79 10.63
C PRO B 151 20.21 10.08 9.51
N GLU B 152 19.47 9.39 8.64
CA GLU B 152 20.05 8.77 7.46
C GLU B 152 20.34 9.83 6.40
N PRO B 153 21.25 9.52 5.46
CA PRO B 153 22.08 8.32 5.39
C PRO B 153 23.57 8.59 5.59
N VAL B 154 24.37 7.55 5.38
CA VAL B 154 25.82 7.64 5.50
C VAL B 154 26.44 6.92 4.31
N THR B 155 27.42 7.55 3.68
CA THR B 155 28.07 6.95 2.52
C THR B 155 29.44 6.44 2.92
N VAL B 156 29.82 5.28 2.40
CA VAL B 156 31.10 4.66 2.73
C VAL B 156 31.84 4.34 1.45
N SER B 157 33.11 4.75 1.38
CA SER B 157 34.02 4.35 0.33
C SER B 157 35.23 3.68 0.98
N TRP B 158 36.05 3.04 0.15
CA TRP B 158 37.25 2.35 0.65
C TRP B 158 38.47 2.83 -0.10
N ASN B 159 39.52 3.15 0.64
CA ASN B 159 40.80 3.62 0.09
C ASN B 159 40.57 4.81 -0.85
N SER B 160 39.76 5.76 -0.39
CA SER B 160 39.43 6.98 -1.11
C SER B 160 38.78 6.69 -2.47
N GLY B 161 38.12 5.54 -2.60
CA GLY B 161 37.46 5.14 -3.82
C GLY B 161 38.28 4.22 -4.70
N ALA B 162 39.58 4.08 -4.44
CA ALA B 162 40.43 3.23 -5.27
C ALA B 162 40.02 1.76 -5.18
N LEU B 163 39.65 1.31 -3.98
CA LEU B 163 39.23 -0.08 -3.77
C LEU B 163 37.72 -0.15 -3.86
N THR B 164 37.23 -0.78 -4.93
CA THR B 164 35.81 -0.99 -5.14
C THR B 164 35.43 -2.45 -5.28
N SER B 165 36.31 -3.27 -5.85
CA SER B 165 36.03 -4.69 -5.96
C SER B 165 35.99 -5.34 -4.58
N GLY B 166 34.98 -6.18 -4.36
CA GLY B 166 34.84 -6.90 -3.12
C GLY B 166 34.18 -6.16 -1.99
N VAL B 167 33.75 -4.91 -2.22
CA VAL B 167 33.09 -4.12 -1.18
C VAL B 167 31.62 -4.49 -1.08
N HIS B 168 31.13 -4.59 0.14
CA HIS B 168 29.72 -4.78 0.44
C HIS B 168 29.35 -3.82 1.56
N THR B 169 28.60 -2.77 1.24
CA THR B 169 28.11 -1.83 2.24
C THR B 169 26.64 -2.14 2.48
N PHE B 170 26.29 -2.41 3.74
CA PHE B 170 25.00 -2.97 4.05
C PHE B 170 23.98 -1.89 4.34
N PRO B 171 22.70 -2.17 4.14
CA PRO B 171 21.65 -1.26 4.60
C PRO B 171 21.74 -1.07 6.11
N ALA B 172 21.47 0.15 6.55
CA ALA B 172 21.52 0.44 7.97
C ALA B 172 20.39 -0.26 8.72
N VAL B 173 20.62 -0.51 10.01
CA VAL B 173 19.60 -1.02 10.91
C VAL B 173 19.31 0.06 11.94
N LEU B 174 18.03 0.35 12.14
CA LEU B 174 17.63 1.23 13.24
C LEU B 174 17.67 0.45 14.54
N GLN B 175 18.39 1.00 15.52
CA GLN B 175 18.54 0.30 16.79
C GLN B 175 17.46 0.74 17.77
N SER B 176 17.38 0.01 18.89
CA SER B 176 16.40 0.33 19.92
C SER B 176 16.62 1.74 20.48
N SER B 177 17.85 2.25 20.40
CA SER B 177 18.13 3.62 20.84
C SER B 177 17.52 4.67 19.93
N GLY B 178 17.14 4.29 18.71
CA GLY B 178 16.71 5.25 17.72
C GLY B 178 17.82 5.80 16.85
N LEU B 179 19.02 5.23 16.94
CA LEU B 179 20.14 5.58 16.08
C LEU B 179 20.39 4.44 15.09
N TYR B 180 21.15 4.75 14.04
CA TYR B 180 21.39 3.80 12.98
C TYR B 180 22.79 3.19 13.07
N SER B 181 22.88 1.92 12.68
CA SER B 181 24.15 1.21 12.61
C SER B 181 24.28 0.56 11.25
N LEU B 182 25.47 0.65 10.68
CA LEU B 182 25.73 0.19 9.32
C LEU B 182 27.07 -0.54 9.29
N SER B 183 27.23 -1.44 8.32
CA SER B 183 28.46 -2.20 8.16
C SER B 183 28.95 -2.05 6.73
N SER B 184 30.25 -1.82 6.57
CA SER B 184 30.88 -1.84 5.26
C SER B 184 32.07 -2.79 5.32
N VAL B 185 31.97 -3.93 4.63
CA VAL B 185 33.04 -4.91 4.61
C VAL B 185 33.64 -4.95 3.22
N VAL B 186 34.80 -5.58 3.14
CA VAL B 186 35.48 -5.84 1.88
C VAL B 186 36.35 -7.07 2.06
N THR B 187 36.42 -7.89 1.03
CA THR B 187 37.20 -9.11 1.03
C THR B 187 38.42 -8.93 0.14
N VAL B 188 39.58 -9.29 0.68
CA VAL B 188 40.86 -9.12 -0.01
C VAL B 188 41.64 -10.41 0.09
N PRO B 189 42.64 -10.61 -0.76
CA PRO B 189 43.55 -11.75 -0.56
C PRO B 189 44.29 -11.63 0.76
N SER B 190 44.55 -12.79 1.38
CA SER B 190 45.26 -12.79 2.66
C SER B 190 46.66 -12.22 2.52
N SER B 191 47.36 -12.55 1.42
CA SER B 191 48.70 -12.00 1.20
C SER B 191 48.69 -10.48 1.14
N SER B 192 47.57 -9.89 0.71
CA SER B 192 47.44 -8.43 0.66
C SER B 192 47.40 -7.80 2.05
N LEU B 193 47.08 -8.58 3.08
CA LEU B 193 46.87 -8.00 4.41
C LEU B 193 48.13 -7.31 4.93
N GLY B 194 49.29 -7.94 4.75
CA GLY B 194 50.51 -7.36 5.26
C GLY B 194 51.17 -6.33 4.37
N THR B 195 50.66 -6.13 3.15
CA THR B 195 51.32 -5.25 2.19
C THR B 195 50.59 -3.93 1.98
N GLN B 196 49.28 -3.95 1.76
CA GLN B 196 48.55 -2.74 1.44
C GLN B 196 47.68 -2.29 2.62
N THR B 197 47.66 -0.98 2.85
CA THR B 197 46.85 -0.40 3.91
C THR B 197 45.40 -0.25 3.44
N TYR B 198 44.48 -0.39 4.40
CA TYR B 198 43.05 -0.31 4.12
C TYR B 198 42.42 0.76 4.99
N ILE B 199 41.79 1.75 4.35
CA ILE B 199 41.13 2.85 5.04
C ILE B 199 39.68 2.93 4.56
N CYS B 200 38.74 3.05 5.49
CA CYS B 200 37.35 3.28 5.14
C CYS B 200 37.01 4.75 5.39
N ASN B 201 36.23 5.32 4.48
CA ASN B 201 35.85 6.72 4.50
C ASN B 201 34.34 6.81 4.63
N VAL B 202 33.89 7.39 5.74
CA VAL B 202 32.47 7.54 6.05
C VAL B 202 32.13 9.01 5.99
N ASN B 203 31.14 9.35 5.15
CA ASN B 203 30.60 10.70 5.07
C ASN B 203 29.19 10.69 5.62
N HIS B 204 28.94 11.50 6.64
CA HIS B 204 27.61 11.71 7.22
C HIS B 204 27.29 13.19 7.08
N LYS B 205 26.65 13.52 5.96
CA LYS B 205 26.33 14.92 5.68
C LYS B 205 25.40 15.58 6.71
N PRO B 206 24.33 14.94 7.20
CA PRO B 206 23.40 15.68 8.08
C PRO B 206 24.07 16.30 9.30
N SER B 207 24.97 15.57 9.95
CA SER B 207 25.77 16.11 11.04
C SER B 207 27.13 16.61 10.56
N ASN B 208 27.39 16.53 9.26
CA ASN B 208 28.58 17.10 8.63
C ASN B 208 29.86 16.53 9.23
N THR B 209 30.02 15.21 9.10
CA THR B 209 31.21 14.53 9.63
C THR B 209 31.85 13.57 8.62
N LYS B 210 33.15 13.73 8.41
CA LYS B 210 33.93 12.89 7.51
C LYS B 210 34.96 12.16 8.36
N VAL B 211 34.95 10.83 8.29
CA VAL B 211 35.82 10.01 9.13
C VAL B 211 36.60 9.05 8.24
N ASP B 212 37.91 8.98 8.45
CA ASP B 212 38.76 8.00 7.77
C ASP B 212 39.39 7.11 8.83
N LYS B 213 39.06 5.82 8.79
CA LYS B 213 39.54 4.86 9.78
C LYS B 213 40.45 3.86 9.10
N ARG B 214 41.61 3.61 9.69
CA ARG B 214 42.53 2.60 9.19
C ARG B 214 42.18 1.25 9.83
N VAL B 215 42.07 0.22 8.99
CA VAL B 215 41.77 -1.13 9.44
C VAL B 215 42.99 -2.01 9.17
N GLU B 216 43.45 -2.70 10.21
CA GLU B 216 44.60 -3.57 10.13
C GLU B 216 44.46 -4.65 11.19
N PRO B 217 45.08 -5.83 10.99
CA PRO B 217 44.91 -6.93 11.95
C PRO B 217 45.72 -6.73 13.22
N ASP C 2 -15.39 -8.31 6.40
CA ASP C 2 -15.24 -6.99 7.02
C ASP C 2 -14.45 -6.08 6.09
N ASP C 3 -13.18 -6.43 5.88
CA ASP C 3 -12.32 -5.76 4.91
C ASP C 3 -11.82 -6.78 3.90
N ILE C 4 -11.05 -6.32 2.92
CA ILE C 4 -10.51 -7.18 1.88
C ILE C 4 -9.00 -7.24 2.04
N VAL C 5 -8.47 -8.45 2.14
CA VAL C 5 -7.04 -8.69 2.32
C VAL C 5 -6.48 -9.23 1.01
N MET C 6 -5.46 -8.57 0.49
CA MET C 6 -4.74 -9.02 -0.69
C MET C 6 -3.52 -9.81 -0.25
N THR C 7 -3.34 -11.01 -0.82
CA THR C 7 -2.24 -11.89 -0.46
C THR C 7 -1.52 -12.32 -1.73
N GLN C 8 -0.21 -12.10 -1.78
CA GLN C 8 0.57 -12.39 -2.97
C GLN C 8 1.38 -13.67 -2.82
N SER C 9 1.60 -14.34 -3.94
CA SER C 9 2.37 -15.58 -4.00
C SER C 9 3.19 -15.62 -5.29
N PRO C 10 4.51 -15.87 -5.19
CA PRO C 10 5.28 -16.02 -3.96
C PRO C 10 5.65 -14.66 -3.39
N SER C 11 6.48 -14.60 -2.35
CA SER C 11 7.01 -13.33 -1.90
C SER C 11 8.36 -13.01 -2.56
N PHE C 12 9.12 -14.04 -2.92
CA PHE C 12 10.32 -13.89 -3.73
C PHE C 12 10.25 -14.89 -4.88
N LEU C 13 10.75 -14.49 -6.04
CA LEU C 13 10.65 -15.32 -7.23
C LEU C 13 11.94 -15.22 -8.03
N SER C 14 12.48 -16.37 -8.43
CA SER C 14 13.74 -16.46 -9.14
C SER C 14 13.48 -16.91 -10.57
N ALA C 15 14.11 -16.23 -11.53
CA ALA C 15 13.94 -16.58 -12.94
C ALA C 15 15.08 -15.98 -13.74
N SER C 16 15.10 -16.36 -15.02
CA SER C 16 16.13 -15.94 -15.96
C SER C 16 15.53 -15.05 -17.04
N VAL C 17 16.40 -14.44 -17.85
CA VAL C 17 15.94 -13.69 -19.00
C VAL C 17 15.29 -14.64 -19.99
N GLY C 18 14.14 -14.23 -20.54
CA GLY C 18 13.37 -15.07 -21.42
C GLY C 18 12.44 -16.03 -20.72
N ASP C 19 12.62 -16.23 -19.41
CA ASP C 19 11.74 -17.10 -18.64
C ASP C 19 10.32 -16.52 -18.63
N ARG C 20 9.37 -17.37 -18.28
CA ARG C 20 7.98 -16.98 -18.14
C ARG C 20 7.60 -16.97 -16.66
N VAL C 21 6.98 -15.88 -16.21
CA VAL C 21 6.81 -15.61 -14.79
C VAL C 21 5.34 -15.35 -14.48
N THR C 22 4.85 -16.00 -13.42
CA THR C 22 3.49 -15.83 -12.93
C THR C 22 3.52 -15.38 -11.48
N ILE C 23 2.88 -14.25 -11.21
CA ILE C 23 2.68 -13.73 -9.86
C ILE C 23 1.19 -13.78 -9.58
N THR C 24 0.82 -14.28 -8.40
CA THR C 24 -0.58 -14.50 -8.06
C THR C 24 -1.00 -13.60 -6.91
N CYS C 25 -2.20 -13.04 -7.03
CA CYS C 25 -2.82 -12.23 -6.00
C CYS C 25 -4.18 -12.83 -5.67
N ARG C 26 -4.44 -13.02 -4.37
CA ARG C 26 -5.70 -13.57 -3.90
C ARG C 26 -6.39 -12.58 -2.98
N ALA C 27 -7.71 -12.56 -3.05
CA ALA C 27 -8.54 -11.66 -2.25
C ALA C 27 -9.28 -12.45 -1.18
N SER C 28 -9.50 -11.80 -0.03
CA SER C 28 -10.27 -12.41 1.04
C SER C 28 -11.75 -12.53 0.69
N GLN C 29 -12.19 -11.90 -0.40
CA GLN C 29 -13.57 -12.02 -0.86
C GLN C 29 -13.58 -11.98 -2.38
N GLY C 30 -14.65 -12.53 -2.96
CA GLY C 30 -14.87 -12.40 -4.39
C GLY C 30 -15.14 -10.95 -4.73
N ILE C 31 -14.32 -10.36 -5.60
CA ILE C 31 -14.42 -8.91 -5.86
C ILE C 31 -14.55 -8.70 -7.37
N PRO C 32 -15.10 -7.56 -7.77
CA PRO C 32 -15.13 -7.21 -9.18
C PRO C 32 -13.72 -7.13 -9.75
N SER C 33 -13.57 -7.61 -10.99
CA SER C 33 -12.25 -7.64 -11.62
C SER C 33 -11.77 -6.25 -12.02
N SER C 34 -12.67 -5.28 -12.15
CA SER C 34 -12.24 -3.92 -12.43
C SER C 34 -11.47 -3.31 -11.27
N TYR C 35 -11.51 -3.95 -10.10
CA TYR C 35 -11.01 -3.31 -8.89
C TYR C 35 -9.49 -3.22 -8.87
N LEU C 36 -8.79 -4.22 -9.38
CA LEU C 36 -7.37 -4.37 -9.08
C LEU C 36 -6.46 -4.03 -10.25
N ALA C 37 -5.33 -3.45 -9.89
CA ALA C 37 -4.25 -3.01 -10.76
C ALA C 37 -2.95 -3.67 -10.31
N TRP C 38 -1.98 -3.63 -11.21
CA TRP C 38 -0.64 -4.18 -11.00
C TRP C 38 0.38 -3.07 -11.22
N TYR C 39 1.31 -2.94 -10.27
CA TYR C 39 2.35 -1.92 -10.27
C TYR C 39 3.73 -2.56 -10.16
N GLN C 40 4.71 -1.88 -10.75
CA GLN C 40 6.11 -2.29 -10.69
C GLN C 40 6.93 -1.22 -9.96
N GLN C 41 7.94 -1.64 -9.21
CA GLN C 41 8.77 -0.72 -8.45
C GLN C 41 10.20 -1.23 -8.41
N LYS C 42 11.13 -0.45 -8.98
CA LYS C 42 12.57 -0.59 -8.76
C LYS C 42 12.96 -0.01 -7.41
N PRO C 43 14.15 -0.35 -6.90
CA PRO C 43 14.63 0.27 -5.66
C PRO C 43 14.78 1.77 -5.81
N GLY C 44 14.43 2.48 -4.74
CA GLY C 44 14.61 3.92 -4.68
C GLY C 44 13.77 4.70 -5.67
N LYS C 45 12.62 4.15 -6.09
CA LYS C 45 11.83 4.77 -7.14
C LYS C 45 10.35 4.51 -6.88
N ALA C 46 9.51 5.35 -7.48
CA ALA C 46 8.08 5.32 -7.29
C ALA C 46 7.44 4.20 -8.10
N PRO C 47 6.29 3.69 -7.65
CA PRO C 47 5.59 2.65 -8.42
C PRO C 47 5.16 3.14 -9.79
N LYS C 48 5.19 2.22 -10.75
CA LYS C 48 4.71 2.48 -12.11
C LYS C 48 3.54 1.56 -12.39
N LEU C 49 2.41 2.14 -12.79
CA LEU C 49 1.22 1.33 -13.04
C LEU C 49 1.40 0.50 -14.30
N LEU C 50 1.29 -0.81 -14.16
CA LEU C 50 1.40 -1.75 -15.28
C LEU C 50 0.04 -2.13 -15.85
N ILE C 51 -0.87 -2.59 -15.00
CA ILE C 51 -2.13 -3.18 -15.46
C ILE C 51 -3.26 -2.60 -14.63
N TYR C 52 -4.44 -2.45 -15.22
CA TYR C 52 -5.62 -2.06 -14.48
C TYR C 52 -6.84 -2.79 -15.03
N ALA C 53 -7.90 -2.83 -14.23
CA ALA C 53 -9.09 -3.64 -14.52
C ALA C 53 -8.73 -5.11 -14.69
N ALA C 54 -7.58 -5.49 -14.13
CA ALA C 54 -7.08 -6.85 -13.98
C ALA C 54 -6.61 -7.47 -15.29
N SER C 55 -6.92 -6.84 -16.43
CA SER C 55 -6.37 -7.29 -17.70
C SER C 55 -5.96 -6.19 -18.65
N THR C 56 -6.37 -4.94 -18.43
CA THR C 56 -6.10 -3.88 -19.41
C THR C 56 -4.68 -3.37 -19.25
N LEU C 57 -3.95 -3.33 -20.36
CA LEU C 57 -2.54 -2.98 -20.35
C LEU C 57 -2.41 -1.47 -20.34
N GLN C 58 -1.73 -0.92 -19.33
CA GLN C 58 -1.55 0.52 -19.25
C GLN C 58 -0.73 1.01 -20.44
N SER C 59 -1.09 2.20 -20.93
CA SER C 59 -0.46 2.73 -22.13
C SER C 59 1.05 2.87 -21.94
N GLY C 60 1.81 2.40 -22.93
CA GLY C 60 3.25 2.49 -22.90
C GLY C 60 3.98 1.33 -22.24
N VAL C 61 3.25 0.39 -21.64
CA VAL C 61 3.87 -0.74 -20.94
C VAL C 61 4.04 -1.88 -21.94
N PRO C 62 5.15 -2.62 -21.88
CA PRO C 62 5.41 -3.65 -22.90
C PRO C 62 4.37 -4.76 -22.91
N SER C 63 4.31 -5.47 -24.06
CA SER C 63 3.30 -6.49 -24.29
C SER C 63 3.55 -7.76 -23.48
N ARG C 64 4.77 -7.97 -22.99
CA ARG C 64 5.04 -9.18 -22.22
C ARG C 64 4.27 -9.22 -20.91
N PHE C 65 3.75 -8.08 -20.46
CA PHE C 65 2.96 -8.02 -19.23
C PHE C 65 1.50 -8.28 -19.57
N SER C 66 0.90 -9.29 -18.94
CA SER C 66 -0.50 -9.61 -19.15
C SER C 66 -1.16 -9.91 -17.82
N GLY C 67 -2.29 -9.28 -17.56
CA GLY C 67 -3.08 -9.53 -16.37
C GLY C 67 -4.29 -10.38 -16.69
N SER C 68 -4.68 -11.22 -15.73
CA SER C 68 -5.87 -12.05 -15.89
C SER C 68 -6.42 -12.38 -14.51
N GLY C 69 -7.55 -13.09 -14.49
CA GLY C 69 -8.14 -13.55 -13.26
C GLY C 69 -9.50 -12.91 -13.00
N SER C 70 -10.16 -13.42 -11.97
CA SER C 70 -11.47 -12.95 -11.55
C SER C 70 -11.77 -13.58 -10.19
N GLY C 71 -12.95 -13.27 -9.66
CA GLY C 71 -13.37 -13.82 -8.40
C GLY C 71 -12.42 -13.48 -7.28
N THR C 72 -11.65 -14.48 -6.84
CA THR C 72 -10.66 -14.27 -5.79
C THR C 72 -9.23 -14.52 -6.23
N GLU C 73 -8.99 -14.86 -7.50
CA GLU C 73 -7.64 -15.15 -7.95
C GLU C 73 -7.31 -14.33 -9.18
N PHE C 74 -6.17 -13.65 -9.15
CA PHE C 74 -5.72 -12.80 -10.24
C PHE C 74 -4.24 -13.04 -10.46
N THR C 75 -3.77 -12.79 -11.67
CA THR C 75 -2.43 -13.15 -12.06
C THR C 75 -1.81 -12.06 -12.92
N LEU C 76 -0.59 -11.66 -12.56
CA LEU C 76 0.29 -10.94 -13.46
C LEU C 76 1.23 -11.97 -14.10
N THR C 77 1.44 -11.85 -15.41
CA THR C 77 2.28 -12.78 -16.13
C THR C 77 3.22 -11.99 -17.01
N ILE C 78 4.52 -12.16 -16.78
CA ILE C 78 5.54 -11.62 -17.66
C ILE C 78 5.95 -12.74 -18.60
N SER C 79 5.72 -12.54 -19.90
CA SER C 79 5.81 -13.64 -20.86
C SER C 79 7.26 -14.06 -21.10
N SER C 80 8.12 -13.10 -21.44
CA SER C 80 9.53 -13.36 -21.71
C SER C 80 10.34 -12.38 -20.87
N LEU C 81 10.78 -12.83 -19.70
CA LEU C 81 11.52 -11.98 -18.79
C LEU C 81 12.70 -11.30 -19.47
N GLN C 82 12.93 -10.05 -19.10
CA GLN C 82 13.99 -9.22 -19.62
C GLN C 82 14.72 -8.56 -18.46
N PRO C 83 15.96 -8.12 -18.67
CA PRO C 83 16.73 -7.54 -17.55
C PRO C 83 16.03 -6.38 -16.87
N GLU C 84 15.28 -5.56 -17.61
CA GLU C 84 14.63 -4.39 -17.04
C GLU C 84 13.36 -4.73 -16.27
N ASP C 85 12.92 -5.99 -16.26
CA ASP C 85 11.73 -6.39 -15.53
C ASP C 85 12.02 -6.96 -14.15
N PHE C 86 13.28 -6.95 -13.72
CA PHE C 86 13.64 -7.44 -12.39
C PHE C 86 13.37 -6.34 -11.37
N ALA C 87 12.28 -6.48 -10.63
CA ALA C 87 11.84 -5.46 -9.68
C ALA C 87 10.86 -6.10 -8.70
N THR C 88 10.17 -5.26 -7.94
CA THR C 88 9.10 -5.73 -7.06
C THR C 88 7.75 -5.40 -7.70
N TYR C 89 6.79 -6.30 -7.53
CA TYR C 89 5.49 -6.15 -8.17
C TYR C 89 4.39 -6.22 -7.11
N TYR C 90 3.45 -5.28 -7.18
CA TYR C 90 2.33 -5.21 -6.25
C TYR C 90 1.01 -5.32 -6.98
N CYS C 91 0.06 -6.02 -6.37
CA CYS C 91 -1.34 -5.93 -6.78
C CYS C 91 -2.07 -4.99 -5.83
N GLN C 92 -3.17 -4.43 -6.32
CA GLN C 92 -3.92 -3.45 -5.55
C GLN C 92 -5.39 -3.49 -5.92
N GLN C 93 -6.27 -3.49 -4.93
CA GLN C 93 -7.70 -3.43 -5.19
C GLN C 93 -8.22 -2.03 -4.89
N LEU C 94 -8.85 -1.40 -5.88
CA LEU C 94 -9.52 -0.11 -5.71
C LEU C 94 -10.99 -0.40 -5.43
N ASN C 95 -11.45 -0.10 -4.23
CA ASN C 95 -12.72 -0.63 -3.75
C ASN C 95 -13.92 0.27 -4.06
N SER C 96 -13.70 1.46 -4.61
CA SER C 96 -14.74 2.44 -4.96
C SER C 96 -15.42 2.97 -3.70
N TYR C 97 -15.09 2.39 -2.56
CA TYR C 97 -15.28 2.97 -1.24
C TYR C 97 -14.06 2.52 -0.46
N PRO C 98 -13.28 3.45 0.11
CA PRO C 98 -11.99 3.08 0.72
C PRO C 98 -12.17 2.10 1.87
N PRO C 99 -11.09 1.43 2.30
CA PRO C 99 -9.68 1.58 1.90
C PRO C 99 -9.28 0.90 0.60
N TYR C 100 -8.21 1.42 -0.02
CA TYR C 100 -7.51 0.73 -1.09
C TYR C 100 -6.40 -0.12 -0.47
N THR C 101 -6.29 -1.36 -0.90
CA THR C 101 -5.40 -2.32 -0.26
C THR C 101 -4.42 -2.89 -1.27
N PHE C 102 -3.16 -3.05 -0.84
CA PHE C 102 -2.10 -3.58 -1.68
C PHE C 102 -1.75 -5.01 -1.26
N GLY C 103 -1.13 -5.72 -2.19
CA GLY C 103 -0.49 -6.97 -1.84
C GLY C 103 0.83 -6.75 -1.13
N GLN C 104 1.31 -7.81 -0.50
CA GLN C 104 2.59 -7.76 0.21
C GLN C 104 3.75 -7.50 -0.73
N GLY C 105 3.56 -7.70 -2.03
CA GLY C 105 4.61 -7.54 -3.01
C GLY C 105 5.29 -8.85 -3.36
N THR C 106 5.93 -8.86 -4.52
CA THR C 106 6.72 -10.00 -4.96
C THR C 106 8.02 -9.48 -5.57
N LYS C 107 9.15 -9.84 -4.97
CA LYS C 107 10.45 -9.44 -5.49
C LYS C 107 10.89 -10.47 -6.54
N LEU C 108 11.09 -9.99 -7.77
CA LEU C 108 11.43 -10.86 -8.90
C LEU C 108 12.94 -10.77 -9.07
N GLU C 109 13.65 -11.82 -8.66
CA GLU C 109 15.11 -11.82 -8.63
C GLU C 109 15.66 -12.74 -9.71
N ILE C 110 16.97 -12.62 -9.93
CA ILE C 110 17.66 -13.36 -10.97
C ILE C 110 18.00 -14.75 -10.46
N LYS C 111 17.70 -15.77 -11.26
CA LYS C 111 18.07 -17.14 -10.91
C LYS C 111 19.52 -17.40 -11.29
N ARG C 112 20.29 -17.91 -10.33
CA ARG C 112 21.63 -18.42 -10.57
C ARG C 112 21.78 -19.71 -9.79
N THR C 113 22.91 -20.39 -10.00
CA THR C 113 23.13 -21.66 -9.33
C THR C 113 23.46 -21.45 -7.86
N VAL C 114 23.27 -22.50 -7.07
CA VAL C 114 23.43 -22.42 -5.62
C VAL C 114 24.88 -22.12 -5.27
N ALA C 115 25.09 -21.14 -4.40
CA ALA C 115 26.41 -20.76 -3.93
C ALA C 115 26.40 -20.64 -2.42
N ALA C 116 27.38 -21.28 -1.76
CA ALA C 116 27.48 -21.24 -0.31
C ALA C 116 28.23 -20.00 0.15
N PRO C 117 27.92 -19.49 1.34
CA PRO C 117 28.53 -18.25 1.81
C PRO C 117 29.92 -18.45 2.41
N SER C 118 30.68 -17.36 2.41
CA SER C 118 31.88 -17.27 3.23
C SER C 118 31.49 -16.61 4.55
N VAL C 119 31.90 -17.20 5.66
CA VAL C 119 31.42 -16.78 6.96
C VAL C 119 32.59 -16.24 7.78
N PHE C 120 32.45 -15.02 8.27
CA PHE C 120 33.50 -14.38 9.05
C PHE C 120 32.94 -13.83 10.36
N ILE C 121 33.69 -14.02 11.45
CA ILE C 121 33.36 -13.44 12.74
C ILE C 121 34.29 -12.27 13.02
N PHE C 122 33.71 -11.18 13.52
CA PHE C 122 34.46 -9.98 13.90
C PHE C 122 34.21 -9.67 15.37
N PRO C 123 35.21 -9.82 16.22
CA PRO C 123 35.06 -9.47 17.63
C PRO C 123 34.97 -7.96 17.80
N PRO C 124 34.45 -7.48 18.92
CA PRO C 124 34.34 -6.03 19.12
C PRO C 124 35.71 -5.37 19.17
N SER C 125 35.77 -4.15 18.67
CA SER C 125 37.01 -3.39 18.66
C SER C 125 37.35 -2.89 20.06
N ASP C 126 38.64 -2.66 20.29
CA ASP C 126 39.06 -2.06 21.56
C ASP C 126 38.52 -0.66 21.71
N GLU C 127 38.50 0.11 20.62
CA GLU C 127 37.97 1.48 20.67
C GLU C 127 36.53 1.49 21.14
N GLN C 128 35.70 0.61 20.59
CA GLN C 128 34.31 0.51 21.02
C GLN C 128 34.21 -0.01 22.45
N LEU C 129 35.05 -0.99 22.80
CA LEU C 129 35.01 -1.53 24.17
C LEU C 129 35.33 -0.47 25.20
N LYS C 130 36.15 0.52 24.84
CA LYS C 130 36.42 1.62 25.78
C LYS C 130 35.15 2.37 26.15
N SER C 131 34.14 2.35 25.28
CA SER C 131 32.93 3.15 25.45
C SER C 131 31.82 2.41 26.18
N GLY C 132 32.03 1.17 26.59
CA GLY C 132 31.03 0.45 27.36
C GLY C 132 30.02 -0.34 26.57
N THR C 133 30.31 -0.66 25.31
CA THR C 133 29.46 -1.53 24.50
C THR C 133 30.36 -2.44 23.67
N ALA C 134 29.91 -3.68 23.48
CA ALA C 134 30.61 -4.64 22.64
C ALA C 134 29.65 -5.18 21.60
N SER C 135 30.03 -5.08 20.32
CA SER C 135 29.19 -5.55 19.24
C SER C 135 29.99 -6.50 18.38
N VAL C 136 29.57 -7.76 18.33
CA VAL C 136 30.17 -8.79 17.49
C VAL C 136 29.45 -8.77 16.16
N VAL C 137 30.17 -9.02 15.07
CA VAL C 137 29.57 -8.95 13.74
C VAL C 137 29.89 -10.22 12.96
N CYS C 138 28.84 -10.96 12.58
CA CYS C 138 28.96 -12.13 11.72
C CYS C 138 28.58 -11.74 10.29
N LEU C 139 29.45 -12.10 9.34
CA LEU C 139 29.28 -11.74 7.94
C LEU C 139 29.13 -12.98 7.09
N LEU C 140 28.08 -13.02 6.26
CA LEU C 140 27.85 -14.05 5.27
C LEU C 140 28.05 -13.42 3.91
N ASN C 141 28.96 -13.96 3.11
CA ASN C 141 29.45 -13.29 1.91
C ASN C 141 29.16 -14.13 0.67
N ASN C 142 28.56 -13.49 -0.32
CA ASN C 142 28.44 -14.01 -1.69
C ASN C 142 27.78 -15.39 -1.70
N PHE C 143 26.55 -15.46 -1.20
CA PHE C 143 25.80 -16.70 -1.15
C PHE C 143 24.54 -16.58 -1.99
N TYR C 144 23.98 -17.74 -2.35
CA TYR C 144 22.74 -17.81 -3.10
C TYR C 144 22.14 -19.19 -2.88
N PRO C 145 20.83 -19.31 -2.65
CA PRO C 145 19.82 -18.24 -2.65
C PRO C 145 19.81 -17.38 -1.40
N ARG C 146 18.83 -16.47 -1.32
CA ARG C 146 18.79 -15.46 -0.27
C ARG C 146 18.56 -16.05 1.11
N GLU C 147 17.89 -17.19 1.19
CA GLU C 147 17.45 -17.72 2.48
C GLU C 147 18.62 -18.35 3.22
N ALA C 148 18.97 -17.75 4.36
CA ALA C 148 20.04 -18.27 5.21
C ALA C 148 19.68 -18.00 6.67
N LYS C 149 20.05 -18.93 7.55
CA LYS C 149 19.76 -18.76 8.98
C LYS C 149 21.06 -18.54 9.74
N VAL C 150 21.07 -17.47 10.55
CA VAL C 150 22.20 -17.12 11.40
C VAL C 150 21.76 -17.25 12.86
N GLN C 151 22.50 -18.03 13.63
CA GLN C 151 22.19 -18.30 15.03
C GLN C 151 23.38 -17.91 15.88
N TRP C 152 23.21 -16.91 16.75
CA TRP C 152 24.28 -16.53 17.66
C TRP C 152 24.35 -17.49 18.83
N LYS C 153 25.57 -17.84 19.24
CA LYS C 153 25.79 -18.76 20.35
C LYS C 153 26.79 -18.12 21.31
N VAL C 154 26.36 -17.91 22.55
CA VAL C 154 27.21 -17.34 23.58
C VAL C 154 27.35 -18.38 24.68
N ASP C 155 28.55 -18.94 24.81
CA ASP C 155 28.81 -20.07 25.71
C ASP C 155 27.82 -21.21 25.43
N ASN C 156 27.51 -21.38 24.14
CA ASN C 156 26.58 -22.40 23.63
C ASN C 156 25.14 -22.13 24.02
N ALA C 157 24.82 -20.91 24.44
CA ALA C 157 23.43 -20.50 24.61
C ALA C 157 22.96 -19.82 23.32
N LEU C 158 21.81 -20.26 22.82
CA LEU C 158 21.27 -19.72 21.58
C LEU C 158 20.68 -18.35 21.87
N GLN C 159 21.28 -17.31 21.31
CA GLN C 159 20.98 -15.93 21.66
C GLN C 159 19.83 -15.42 20.81
N SER C 160 18.86 -14.78 21.46
CA SER C 160 17.68 -14.24 20.79
C SER C 160 17.32 -12.88 21.37
N GLY C 161 17.05 -11.92 20.48
CA GLY C 161 16.55 -10.62 20.87
C GLY C 161 17.57 -9.51 20.89
N ASN C 162 18.86 -9.84 20.94
CA ASN C 162 19.91 -8.82 21.00
C ASN C 162 20.72 -8.77 19.70
N SER C 163 20.19 -9.29 18.61
CA SER C 163 20.88 -9.29 17.33
C SER C 163 20.01 -8.62 16.27
N GLN C 164 20.67 -8.13 15.23
CA GLN C 164 20.00 -7.49 14.11
C GLN C 164 20.76 -7.84 12.84
N GLU C 165 20.04 -7.96 11.72
CA GLU C 165 20.69 -8.32 10.48
C GLU C 165 20.14 -7.47 9.33
N SER C 166 20.92 -7.43 8.25
CA SER C 166 20.48 -6.76 7.03
C SER C 166 21.17 -7.41 5.84
N VAL C 167 20.55 -7.27 4.66
CA VAL C 167 20.95 -7.97 3.45
C VAL C 167 21.16 -6.99 2.33
N THR C 168 22.27 -7.13 1.61
CA THR C 168 22.45 -6.37 0.38
C THR C 168 21.51 -6.89 -0.69
N GLU C 169 21.30 -6.06 -1.72
CA GLU C 169 20.57 -6.53 -2.88
C GLU C 169 21.45 -7.47 -3.69
N GLN C 170 20.83 -8.19 -4.62
CA GLN C 170 21.56 -9.12 -5.47
C GLN C 170 22.70 -8.40 -6.19
N ASP C 171 23.89 -8.99 -6.15
CA ASP C 171 25.08 -8.32 -6.65
C ASP C 171 24.99 -8.19 -8.17
N SER C 172 25.59 -7.12 -8.69
CA SER C 172 25.41 -6.74 -10.07
C SER C 172 26.14 -7.66 -11.05
N LYS C 173 27.16 -8.40 -10.59
CA LYS C 173 27.96 -9.20 -11.51
C LYS C 173 27.99 -10.69 -11.21
N ASP C 174 27.67 -11.13 -10.00
CA ASP C 174 27.55 -12.55 -9.72
C ASP C 174 26.19 -12.96 -9.18
N SER C 175 25.27 -12.00 -9.01
CA SER C 175 23.89 -12.27 -8.58
C SER C 175 23.84 -13.01 -7.25
N THR C 176 24.72 -12.66 -6.33
CA THR C 176 24.70 -13.23 -4.98
C THR C 176 24.17 -12.21 -3.99
N TYR C 177 23.89 -12.69 -2.78
CA TYR C 177 23.49 -11.85 -1.67
C TYR C 177 24.57 -11.88 -0.59
N SER C 178 24.59 -10.82 0.22
CA SER C 178 25.48 -10.73 1.36
C SER C 178 24.69 -10.26 2.57
N LEU C 179 24.94 -10.89 3.70
CA LEU C 179 24.19 -10.65 4.92
C LEU C 179 25.14 -10.25 6.04
N SER C 180 24.69 -9.32 6.89
CA SER C 180 25.48 -8.85 8.02
C SER C 180 24.61 -8.92 9.27
N SER C 181 25.17 -9.44 10.35
CA SER C 181 24.46 -9.58 11.61
C SER C 181 25.31 -9.02 12.75
N THR C 182 24.71 -8.14 13.54
CA THR C 182 25.36 -7.57 14.71
C THR C 182 24.67 -8.08 15.98
N LEU C 183 25.48 -8.58 16.91
CA LEU C 183 25.05 -8.95 18.25
C LEU C 183 25.63 -7.93 19.21
N THR C 184 24.76 -7.22 19.92
CA THR C 184 25.15 -6.07 20.73
C THR C 184 24.95 -6.38 22.22
N LEU C 185 25.96 -6.05 23.03
CA LEU C 185 25.94 -6.31 24.46
C LEU C 185 26.56 -5.12 25.18
N SER C 186 26.26 -5.00 26.47
CA SER C 186 27.03 -4.08 27.30
C SER C 186 28.42 -4.66 27.53
N LYS C 187 29.36 -3.78 27.92
CA LYS C 187 30.73 -4.24 28.15
C LYS C 187 30.77 -5.31 29.24
N ALA C 188 30.14 -5.05 30.38
CA ALA C 188 30.18 -6.00 31.49
C ALA C 188 29.56 -7.34 31.08
N ASP C 189 28.40 -7.27 30.41
CA ASP C 189 27.75 -8.49 29.93
C ASP C 189 28.65 -9.24 28.97
N TYR C 190 29.34 -8.51 28.09
CA TYR C 190 30.28 -9.14 27.17
C TYR C 190 31.41 -9.84 27.91
N GLU C 191 31.96 -9.20 28.95
CA GLU C 191 33.02 -9.81 29.74
C GLU C 191 32.52 -10.93 30.64
N LYS C 192 31.21 -11.12 30.78
CA LYS C 192 30.71 -12.23 31.58
C LYS C 192 30.71 -13.56 30.84
N HIS C 193 31.14 -13.59 29.58
CA HIS C 193 31.13 -14.80 28.76
C HIS C 193 32.46 -14.97 28.06
N LYS C 194 32.70 -16.18 27.55
CA LYS C 194 33.96 -16.55 26.94
C LYS C 194 33.84 -16.85 25.45
N VAL C 195 32.99 -17.80 25.05
CA VAL C 195 32.94 -18.27 23.67
C VAL C 195 31.83 -17.54 22.94
N TYR C 196 32.19 -16.84 21.86
CA TYR C 196 31.22 -16.15 21.02
C TYR C 196 31.28 -16.75 19.63
N ALA C 197 30.14 -17.17 19.10
CA ALA C 197 30.10 -17.86 17.82
C ALA C 197 28.84 -17.49 17.06
N CYS C 198 28.92 -17.61 15.74
CA CYS C 198 27.74 -17.53 14.89
CA CYS C 198 27.73 -17.53 14.89
C CYS C 198 27.68 -18.77 14.02
N GLU C 199 26.49 -19.36 13.92
CA GLU C 199 26.23 -20.59 13.21
C GLU C 199 25.37 -20.29 12.00
N VAL C 200 25.83 -20.71 10.83
CA VAL C 200 25.19 -20.39 9.56
C VAL C 200 24.68 -21.68 8.95
N THR C 201 23.39 -21.70 8.62
CA THR C 201 22.78 -22.77 7.85
C THR C 201 22.30 -22.20 6.51
N HIS C 202 22.69 -22.87 5.43
CA HIS C 202 22.34 -22.44 4.09
C HIS C 202 22.20 -23.68 3.20
N GLN C 203 21.59 -23.47 2.03
CA GLN C 203 21.39 -24.57 1.09
C GLN C 203 22.72 -25.18 0.66
N GLY C 204 23.69 -24.33 0.31
CA GLY C 204 24.97 -24.80 -0.19
C GLY C 204 25.88 -25.33 0.90
N LEU C 205 25.34 -25.52 2.10
CA LEU C 205 26.08 -26.01 3.26
C LEU C 205 25.43 -27.31 3.70
N SER C 206 26.16 -28.42 3.56
CA SER C 206 25.64 -29.70 4.01
C SER C 206 25.46 -29.71 5.53
N SER C 207 26.47 -29.26 6.25
CA SER C 207 26.39 -29.02 7.69
C SER C 207 26.37 -27.53 7.96
N PRO C 208 25.77 -27.10 9.06
CA PRO C 208 25.93 -25.69 9.48
C PRO C 208 27.38 -25.42 9.82
N VAL C 209 27.85 -24.22 9.46
CA VAL C 209 29.22 -23.82 9.74
C VAL C 209 29.20 -22.84 10.90
N THR C 210 30.01 -23.12 11.91
CA THR C 210 30.15 -22.23 13.06
C THR C 210 31.48 -21.53 12.99
N LYS C 211 31.47 -20.20 13.13
CA LYS C 211 32.68 -19.41 13.27
C LYS C 211 32.66 -18.79 14.65
N SER C 212 33.73 -19.03 15.42
CA SER C 212 33.75 -18.72 16.83
C SER C 212 35.08 -18.09 17.21
N PHE C 213 35.11 -17.55 18.43
CA PHE C 213 36.33 -17.08 19.05
C PHE C 213 36.12 -17.03 20.56
N ASN C 214 37.22 -17.05 21.29
CA ASN C 214 37.21 -16.90 22.74
C ASN C 214 37.59 -15.48 23.08
N ARG C 215 36.74 -14.80 23.85
CA ARG C 215 37.00 -13.41 24.19
C ARG C 215 38.32 -13.28 24.95
N GLY C 216 39.09 -12.26 24.58
CA GLY C 216 40.40 -12.06 25.18
C GLY C 216 41.42 -13.13 24.81
N GLU C 217 41.49 -13.49 23.52
CA GLU C 217 42.50 -14.43 23.04
C GLU C 217 42.98 -13.96 21.67
N CYS C 218 44.20 -14.35 21.32
CA CYS C 218 44.81 -13.96 20.05
C CYS C 218 45.34 -15.18 19.30
C1 NAG D . -45.06 -9.44 -4.22
C2 NAG D . -46.14 -8.90 -3.28
C3 NAG D . -46.47 -9.92 -2.20
C4 NAG D . -46.86 -11.25 -2.84
C5 NAG D . -45.74 -11.73 -3.77
C6 NAG D . -46.10 -12.99 -4.53
C7 NAG D . -46.30 -6.47 -2.93
C8 NAG D . -45.74 -5.28 -2.21
N2 NAG D . -45.72 -7.64 -2.67
O3 NAG D . -47.55 -9.44 -1.40
O4 NAG D . -47.08 -12.23 -1.83
O5 NAG D . -45.47 -10.72 -4.74
O6 NAG D . -47.46 -12.99 -4.91
O7 NAG D . -47.24 -6.37 -3.72
#